data_5VQD
#
_entry.id   5VQD
#
_cell.length_a   80.520
_cell.length_b   84.150
_cell.length_c   161.190
_cell.angle_alpha   90.00
_cell.angle_beta   90.00
_cell.angle_gamma   90.00
#
_symmetry.space_group_name_H-M   'C 2 2 21'
#
loop_
_entity.id
_entity.type
_entity.pdbx_description
1 polymer 'Beta-glucoside phosphorylase BglX'
2 non-polymer GLYCEROL
3 water water
#
_entity_poly.entity_id   1
_entity_poly.type   'polypeptide(L)'
_entity_poly.pdbx_seq_one_letter_code
;MYESILSIKPYNLSKEQITWVNQTLVSLSDDEKLGQLICEIIWDKPGCDPLDVMKHFLPGAVMYRPFKAKRMREFTQRLQ
KASKIPLLIACNLERGGSGGNGGMEDGTYVASPMGVAATDDESSAEHLGEVCASEGSAVGVNWTYEPIIDIDMNPENPIT
NVRTYGSDPERIIRMAKAYCRGCRKWGVLTTIKHFPGDGVDYRDQHLMSSVNNLSADEWMDTYGRIYQALIEDGAETLMS
AHIRQPNVTRMVNPLIKDEEIMPGSLSKELMQGILRGRFHFNGLICTDATQMVGYTCSMPRHEALPTSIQNGADMLTFTL
NPTEDFKALQEGLSCGLLTHERLDEAVARILGMKAKLRLPERKDVVPPLHAMERIQSKKHKKWALEIADESITLVKDKQK
GLLPLSPQKTKRIILVQATNEKPEGGYLSEARLFKGLLEKEGFIVHWFEEVPRPGTGYSIEDLKRDTDLFIYYANFKVSS
NQTTIRLVWSDFLGDSSPKFVCDVPTLFLSFSNPYHLVDVPMVKTYINAYTSNEATVRMMIEKLMGRSSFKGKSPVDPFA
GLWDARLHHHHHH
;
_entity_poly.pdbx_strand_id   A
#
loop_
_chem_comp.id
_chem_comp.type
_chem_comp.name
_chem_comp.formula
GOL non-polymer GLYCEROL 'C3 H8 O3'
#
# COMPACT_ATOMS: atom_id res chain seq x y z
N MET A 1 -16.21 24.19 22.11
CA MET A 1 -15.46 24.59 20.89
C MET A 1 -15.35 23.41 19.94
N TYR A 2 -15.06 23.70 18.66
CA TYR A 2 -14.81 22.70 17.63
C TYR A 2 -16.06 21.90 17.27
N GLU A 3 -17.25 22.39 17.62
CA GLU A 3 -18.47 21.68 17.26
C GLU A 3 -18.67 21.65 15.75
N SER A 4 -18.26 22.72 15.05
CA SER A 4 -18.37 22.77 13.60
C SER A 4 -17.55 21.67 12.94
N ILE A 5 -16.52 21.15 13.62
CA ILE A 5 -15.72 20.05 13.09
C ILE A 5 -16.25 18.71 13.59
N LEU A 6 -16.43 18.59 14.91
CA LEU A 6 -16.63 17.29 15.54
C LEU A 6 -18.04 16.74 15.39
N SER A 7 -19.02 17.58 15.07
CA SER A 7 -20.41 17.15 15.00
C SER A 7 -20.81 16.64 13.62
N ILE A 8 -19.94 16.73 12.63
CA ILE A 8 -20.29 16.39 11.25
C ILE A 8 -19.33 15.32 10.73
N LYS A 9 -19.65 14.82 9.54
CA LYS A 9 -18.83 13.81 8.89
C LYS A 9 -17.39 14.29 8.80
N PRO A 10 -16.39 13.41 9.00
CA PRO A 10 -16.48 11.98 9.29
C PRO A 10 -16.47 11.67 10.79
N TYR A 11 -16.72 12.68 11.62
CA TYR A 11 -16.69 12.52 13.08
C TYR A 11 -18.08 12.13 13.60
N ASN A 12 -19.04 13.05 13.49
CA ASN A 12 -20.41 12.80 13.94
C ASN A 12 -20.44 12.41 15.42
N LEU A 13 -19.69 13.15 16.23
CA LEU A 13 -19.65 12.89 17.66
C LEU A 13 -20.90 13.45 18.34
N SER A 14 -21.28 12.83 19.44
CA SER A 14 -22.43 13.28 20.22
C SER A 14 -22.02 14.45 21.12
N LYS A 15 -23.03 15.04 21.78
CA LYS A 15 -22.77 16.13 22.70
C LYS A 15 -21.78 15.70 23.79
N GLU A 16 -22.01 14.52 24.37
CA GLU A 16 -21.13 14.05 25.44
C GLU A 16 -19.72 13.82 24.92
N GLN A 17 -19.58 13.23 23.74
CA GLN A 17 -18.26 12.95 23.18
C GLN A 17 -17.47 14.24 22.96
N ILE A 18 -18.13 15.27 22.42
CA ILE A 18 -17.46 16.55 22.21
C ILE A 18 -17.02 17.16 23.53
N THR A 19 -17.86 17.01 24.56
CA THR A 19 -17.47 17.49 25.89
C THR A 19 -16.21 16.80 26.37
N TRP A 20 -16.09 15.49 26.11
CA TRP A 20 -14.88 14.78 26.52
C TRP A 20 -13.65 15.32 25.79
N VAL A 21 -13.77 15.55 24.49
CA VAL A 21 -12.63 16.07 23.73
C VAL A 21 -12.22 17.43 24.27
N ASN A 22 -13.19 18.31 24.49
CA ASN A 22 -12.88 19.66 24.96
C ASN A 22 -12.28 19.64 26.35
N GLN A 23 -12.86 18.86 27.26
CA GLN A 23 -12.33 18.80 28.62
C GLN A 23 -10.95 18.18 28.65
N THR A 24 -10.72 17.12 27.87
CA THR A 24 -9.40 16.54 27.77
C THR A 24 -8.40 17.55 27.22
N LEU A 25 -8.76 18.22 26.12
CA LEU A 25 -7.89 19.23 25.53
C LEU A 25 -7.44 20.25 26.58
N VAL A 26 -8.40 20.79 27.34
CA VAL A 26 -8.08 21.81 28.34
C VAL A 26 -7.11 21.26 29.39
N SER A 27 -7.21 19.98 29.72
CA SER A 27 -6.40 19.40 30.79
C SER A 27 -4.97 19.10 30.38
N LEU A 28 -4.65 19.19 29.09
CA LEU A 28 -3.32 18.81 28.61
C LEU A 28 -2.36 19.98 28.68
N SER A 29 -1.14 19.70 29.14
CA SER A 29 -0.07 20.67 29.05
C SER A 29 0.35 20.86 27.59
N ASP A 30 1.19 21.85 27.34
CA ASP A 30 1.71 22.07 26.00
C ASP A 30 2.50 20.85 25.52
N ASP A 31 3.35 20.30 26.39
CA ASP A 31 4.13 19.12 25.99
C ASP A 31 3.22 17.93 25.69
N GLU A 32 2.15 17.76 26.47
CA GLU A 32 1.21 16.69 26.19
C GLU A 32 0.54 16.88 24.84
N LYS A 33 0.16 18.12 24.52
CA LYS A 33 -0.49 18.39 23.24
C LYS A 33 0.47 18.12 22.08
N LEU A 34 1.73 18.54 22.22
CA LEU A 34 2.71 18.28 21.17
C LEU A 34 2.94 16.78 20.98
N GLY A 35 2.96 16.02 22.08
CA GLY A 35 3.12 14.59 21.97
C GLY A 35 1.98 13.92 21.23
N GLN A 36 0.77 14.45 21.36
CA GLN A 36 -0.38 13.89 20.67
C GLN A 36 -0.24 13.99 19.16
N LEU A 37 0.58 14.90 18.65
CA LEU A 37 0.78 15.06 17.22
C LEU A 37 1.64 13.95 16.62
N ILE A 38 2.28 13.14 17.44
CA ILE A 38 3.33 12.23 16.98
C ILE A 38 2.79 10.81 17.01
N CYS A 39 2.98 10.09 15.90
CA CYS A 39 2.81 8.65 15.85
C CYS A 39 4.20 8.01 15.86
N GLU A 40 4.43 7.11 16.81
CA GLU A 40 5.73 6.46 16.96
C GLU A 40 5.67 5.06 16.37
N ILE A 41 6.76 4.67 15.71
CA ILE A 41 6.84 3.34 15.10
C ILE A 41 7.24 2.33 16.17
N ILE A 42 6.64 1.14 16.11
CA ILE A 42 6.99 0.03 16.99
C ILE A 42 7.68 -1.02 16.13
N TRP A 43 8.97 -1.24 16.40
CA TRP A 43 9.76 -2.18 15.61
C TRP A 43 10.39 -3.22 16.52
N LEU A 51 8.17 -1.90 23.36
CA LEU A 51 7.35 -0.75 23.02
C LEU A 51 7.75 0.46 23.85
N ASP A 52 9.06 0.71 23.95
CA ASP A 52 9.59 1.78 24.79
C ASP A 52 9.69 3.06 23.96
N VAL A 53 8.53 3.70 23.75
CA VAL A 53 8.42 4.88 22.91
C VAL A 53 7.82 6.05 23.68
N MET A 54 7.86 6.02 25.01
CA MET A 54 7.28 7.07 25.84
C MET A 54 8.32 7.73 26.72
N LYS A 55 9.61 7.51 26.46
CA LYS A 55 10.67 8.10 27.30
C LYS A 55 10.86 9.58 27.02
N HIS A 56 10.54 10.04 25.81
CA HIS A 56 10.78 11.42 25.41
C HIS A 56 9.51 12.25 25.26
N PHE A 57 8.34 11.62 25.30
CA PHE A 57 7.06 12.31 25.18
C PHE A 57 5.98 11.24 25.22
N LEU A 58 4.73 11.69 25.29
CA LEU A 58 3.57 10.80 25.30
C LEU A 58 2.90 10.85 23.94
N PRO A 59 3.11 9.86 23.08
CA PRO A 59 2.65 9.98 21.69
C PRO A 59 1.14 9.81 21.57
N GLY A 60 0.61 10.38 20.49
CA GLY A 60 -0.80 10.24 20.20
C GLY A 60 -1.18 8.95 19.52
N ALA A 61 -0.24 8.30 18.83
CA ALA A 61 -0.52 7.07 18.11
C ALA A 61 0.75 6.24 18.01
N VAL A 62 0.59 5.01 17.54
CA VAL A 62 1.70 4.14 17.21
C VAL A 62 1.31 3.30 16.00
N MET A 63 2.32 2.84 15.26
CA MET A 63 2.12 1.90 14.17
C MET A 63 2.97 0.67 14.43
N TYR A 64 2.38 -0.51 14.27
CA TYR A 64 3.09 -1.77 14.43
C TYR A 64 3.75 -2.17 13.12
N ARG A 65 5.04 -2.47 13.17
CA ARG A 65 5.68 -3.21 12.10
C ARG A 65 5.15 -4.65 12.13
N PRO A 66 5.48 -5.46 11.13
CA PRO A 66 4.92 -6.82 11.09
C PRO A 66 5.55 -7.79 12.07
N PHE A 67 5.00 -7.90 13.28
CA PHE A 67 5.34 -8.98 14.18
C PHE A 67 4.17 -9.96 14.22
N LYS A 68 4.28 -10.96 15.11
CA LYS A 68 3.23 -11.96 15.25
C LYS A 68 1.98 -11.33 15.84
N ALA A 69 0.82 -11.87 15.42
CA ALA A 69 -0.46 -11.35 15.90
C ALA A 69 -0.53 -11.34 17.42
N LYS A 70 -0.04 -12.41 18.06
CA LYS A 70 -0.09 -12.48 19.52
C LYS A 70 0.72 -11.35 20.15
N ARG A 71 1.92 -11.08 19.63
CA ARG A 71 2.72 -9.98 20.14
C ARG A 71 1.97 -8.65 20.00
N MET A 72 1.33 -8.42 18.86
CA MET A 72 0.55 -7.20 18.68
C MET A 72 -0.52 -7.08 19.75
N ARG A 73 -1.29 -8.16 19.98
CA ARG A 73 -2.32 -8.12 21.01
C ARG A 73 -1.73 -7.80 22.36
N GLU A 74 -0.52 -8.29 22.63
CA GLU A 74 0.13 -8.00 23.91
C GLU A 74 0.56 -6.54 23.98
N PHE A 75 1.23 -6.06 22.93
CA PHE A 75 1.64 -4.66 22.89
C PHE A 75 0.46 -3.73 23.13
N THR A 76 -0.70 -4.05 22.52
CA THR A 76 -1.87 -3.20 22.67
C THR A 76 -2.27 -3.07 24.14
N GLN A 77 -2.50 -4.20 24.80
CA GLN A 77 -2.85 -4.18 26.22
C GLN A 77 -1.86 -3.33 27.01
N ARG A 78 -0.56 -3.56 26.81
CA ARG A 78 0.45 -2.82 27.56
C ARG A 78 0.40 -1.34 27.21
N LEU A 79 0.39 -1.02 25.91
CA LEU A 79 0.44 0.38 25.49
C LEU A 79 -0.78 1.14 25.99
N GLN A 80 -1.97 0.60 25.78
CA GLN A 80 -3.19 1.32 26.15
C GLN A 80 -3.32 1.45 27.65
N LYS A 81 -3.06 0.38 28.40
CA LYS A 81 -3.17 0.43 29.85
C LYS A 81 -2.19 1.43 30.46
N ALA A 82 -1.12 1.77 29.73
CA ALA A 82 -0.11 2.71 30.21
C ALA A 82 -0.30 4.12 29.68
N SER A 83 -1.22 4.32 28.74
CA SER A 83 -1.45 5.63 28.13
C SER A 83 -2.61 6.33 28.82
N LYS A 84 -2.36 7.54 29.32
CA LYS A 84 -3.44 8.34 29.88
C LYS A 84 -4.49 8.64 28.83
N ILE A 85 -4.06 9.13 27.66
CA ILE A 85 -4.94 9.33 26.52
C ILE A 85 -4.86 8.07 25.65
N PRO A 86 -5.98 7.38 25.39
CA PRO A 86 -5.92 6.19 24.54
C PRO A 86 -5.16 6.47 23.25
N LEU A 87 -4.50 5.43 22.74
CA LEU A 87 -3.68 5.54 21.55
C LEU A 87 -4.44 5.10 20.32
N LEU A 88 -4.23 5.81 19.22
CA LEU A 88 -4.55 5.26 17.91
C LEU A 88 -3.46 4.26 17.54
N ILE A 89 -3.86 3.06 17.12
CA ILE A 89 -2.93 1.98 16.84
C ILE A 89 -2.98 1.70 15.34
N ALA A 90 -1.93 2.07 14.63
CA ALA A 90 -1.89 2.01 13.17
C ALA A 90 -1.19 0.75 12.69
N CYS A 91 -1.47 0.39 11.44
CA CYS A 91 -0.81 -0.72 10.75
C CYS A 91 -1.13 -0.61 9.27
N ASN A 92 -0.15 -0.93 8.43
CA ASN A 92 -0.36 -0.92 6.98
C ASN A 92 -0.92 -2.28 6.57
N LEU A 93 -2.23 -2.44 6.82
CA LEU A 93 -2.94 -3.65 6.44
C LEU A 93 -3.36 -3.47 4.99
N GLU A 94 -2.46 -3.85 4.08
CA GLU A 94 -2.55 -3.52 2.66
C GLU A 94 -3.17 -4.64 1.84
N ARG A 95 -2.73 -5.88 2.07
CA ARG A 95 -3.15 -7.03 1.26
C ARG A 95 -3.87 -8.07 2.10
N GLY A 96 -4.45 -7.65 3.22
CA GLY A 96 -5.04 -8.55 4.18
C GLY A 96 -4.29 -8.46 5.49
N GLY A 97 -4.40 -9.49 6.33
CA GLY A 97 -3.61 -9.51 7.55
C GLY A 97 -2.12 -9.48 7.29
N SER A 98 -1.68 -10.09 6.19
CA SER A 98 -0.28 -10.17 5.83
C SER A 98 -0.10 -9.76 4.37
N GLY A 99 1.16 -9.66 3.98
CA GLY A 99 1.52 -9.28 2.62
C GLY A 99 1.86 -7.80 2.51
N GLY A 100 2.73 -7.49 1.56
CA GLY A 100 3.02 -6.11 1.22
C GLY A 100 3.88 -5.36 2.22
N ASN A 101 4.80 -6.04 2.89
CA ASN A 101 5.78 -5.43 3.80
C ASN A 101 5.15 -4.85 5.06
N GLY A 102 3.83 -4.93 5.22
CA GLY A 102 3.16 -4.41 6.38
C GLY A 102 2.31 -5.49 7.04
N GLY A 103 1.21 -5.05 7.65
CA GLY A 103 0.34 -5.98 8.33
C GLY A 103 1.09 -6.75 9.41
N MET A 104 0.64 -7.96 9.66
CA MET A 104 1.24 -8.84 10.66
C MET A 104 1.93 -10.01 9.98
N GLU A 105 2.72 -10.74 10.77
CA GLU A 105 3.56 -11.80 10.20
C GLU A 105 2.73 -13.02 9.84
N ASP A 106 1.71 -13.34 10.63
CA ASP A 106 0.96 -14.58 10.48
C ASP A 106 -0.51 -14.33 10.13
N GLY A 107 -0.79 -13.22 9.44
CA GLY A 107 -2.12 -12.94 8.96
C GLY A 107 -2.38 -13.56 7.59
N THR A 108 -3.61 -13.38 7.12
CA THR A 108 -4.00 -13.90 5.81
C THR A 108 -3.53 -12.94 4.72
N TYR A 109 -2.70 -13.46 3.80
CA TYR A 109 -2.30 -12.70 2.62
C TYR A 109 -3.33 -12.99 1.53
N VAL A 110 -4.22 -12.04 1.28
CA VAL A 110 -5.32 -12.23 0.34
C VAL A 110 -4.82 -11.93 -1.07
N ALA A 111 -4.49 -10.68 -1.35
CA ALA A 111 -4.07 -10.29 -2.68
C ALA A 111 -3.62 -8.84 -2.66
N SER A 112 -2.78 -8.48 -3.63
CA SER A 112 -2.44 -7.09 -3.83
C SER A 112 -3.69 -6.32 -4.26
N PRO A 113 -3.75 -5.01 -4.01
CA PRO A 113 -4.89 -4.23 -4.51
C PRO A 113 -5.13 -4.38 -6.01
N MET A 114 -4.07 -4.44 -6.82
CA MET A 114 -4.28 -4.54 -8.26
C MET A 114 -4.85 -5.91 -8.64
N GLY A 115 -4.45 -6.97 -7.93
CA GLY A 115 -5.06 -8.26 -8.15
C GLY A 115 -6.56 -8.22 -7.89
N VAL A 116 -6.97 -7.51 -6.84
CA VAL A 116 -8.40 -7.31 -6.58
C VAL A 116 -9.04 -6.53 -7.71
N ALA A 117 -8.39 -5.44 -8.14
CA ALA A 117 -8.93 -4.66 -9.25
C ALA A 117 -9.08 -5.49 -10.51
N ALA A 118 -8.19 -6.48 -10.70
CA ALA A 118 -8.27 -7.33 -11.89
C ALA A 118 -9.56 -8.12 -11.91
N THR A 119 -10.12 -8.43 -10.74
CA THR A 119 -11.43 -9.06 -10.69
C THR A 119 -12.54 -8.12 -11.17
N ASP A 120 -12.28 -6.82 -11.20
CA ASP A 120 -13.30 -5.84 -11.59
C ASP A 120 -14.60 -6.08 -10.85
N ASP A 121 -14.51 -6.61 -9.62
CA ASP A 121 -15.67 -6.87 -8.77
C ASP A 121 -15.38 -6.20 -7.43
N GLU A 122 -16.09 -5.10 -7.15
CA GLU A 122 -15.80 -4.32 -5.96
C GLU A 122 -16.08 -5.09 -4.68
N SER A 123 -16.93 -6.12 -4.72
CA SER A 123 -17.11 -6.96 -3.54
C SER A 123 -15.81 -7.64 -3.15
N SER A 124 -14.86 -7.78 -4.08
CA SER A 124 -13.55 -8.33 -3.73
C SER A 124 -12.74 -7.33 -2.91
N ALA A 125 -12.88 -6.04 -3.19
CA ALA A 125 -12.20 -5.03 -2.37
C ALA A 125 -12.82 -4.95 -0.99
N GLU A 126 -14.15 -5.02 -0.90
CA GLU A 126 -14.80 -5.05 0.40
C GLU A 126 -14.31 -6.24 1.22
N HIS A 127 -14.22 -7.42 0.58
CA HIS A 127 -13.67 -8.58 1.27
C HIS A 127 -12.23 -8.34 1.70
N LEU A 128 -11.44 -7.70 0.83
CA LEU A 128 -10.08 -7.34 1.19
C LEU A 128 -10.07 -6.47 2.44
N GLY A 129 -10.92 -5.43 2.46
CA GLY A 129 -10.99 -4.56 3.62
C GLY A 129 -11.43 -5.28 4.88
N GLU A 130 -12.35 -6.25 4.73
CA GLU A 130 -12.80 -7.01 5.89
C GLU A 130 -11.67 -7.82 6.50
N VAL A 131 -10.90 -8.53 5.66
CA VAL A 131 -9.78 -9.32 6.18
C VAL A 131 -8.77 -8.40 6.86
N CYS A 132 -8.43 -7.28 6.21
CA CYS A 132 -7.52 -6.33 6.82
C CYS A 132 -8.01 -5.89 8.19
N ALA A 133 -9.24 -5.37 8.25
CA ALA A 133 -9.77 -4.82 9.49
C ALA A 133 -10.19 -5.90 10.48
N SER A 134 -10.68 -7.04 10.00
CA SER A 134 -11.07 -8.12 10.90
C SER A 134 -9.86 -8.64 11.65
N GLU A 135 -8.79 -8.98 10.93
CA GLU A 135 -7.62 -9.55 11.57
C GLU A 135 -6.82 -8.51 12.33
N GLY A 136 -6.81 -7.26 11.84
CA GLY A 136 -6.10 -6.21 12.56
C GLY A 136 -6.78 -5.86 13.88
N SER A 137 -8.10 -5.71 13.86
CA SER A 137 -8.81 -5.32 15.06
C SER A 137 -8.75 -6.40 16.13
N ALA A 138 -8.60 -7.67 15.73
CA ALA A 138 -8.51 -8.74 16.70
C ALA A 138 -7.34 -8.55 17.66
N VAL A 139 -6.27 -7.89 17.20
CA VAL A 139 -5.08 -7.67 18.02
C VAL A 139 -4.98 -6.23 18.51
N GLY A 140 -6.03 -5.43 18.30
CA GLY A 140 -6.07 -4.09 18.86
C GLY A 140 -5.79 -2.96 17.88
N VAL A 141 -5.60 -3.26 16.59
CA VAL A 141 -5.39 -2.20 15.62
C VAL A 141 -6.73 -1.50 15.35
N ASN A 142 -6.68 -0.17 15.24
CA ASN A 142 -7.88 0.62 14.98
C ASN A 142 -7.69 1.64 13.87
N TRP A 143 -6.61 1.52 13.09
CA TRP A 143 -6.29 2.50 12.05
C TRP A 143 -5.42 1.83 11.01
N THR A 144 -5.94 1.68 9.79
CA THR A 144 -5.16 1.14 8.69
C THR A 144 -4.78 2.26 7.74
N TYR A 145 -3.52 2.29 7.31
CA TYR A 145 -3.03 3.29 6.37
C TYR A 145 -3.43 2.92 4.95
N GLU A 146 -4.71 2.64 4.73
CA GLU A 146 -5.23 2.23 3.44
C GLU A 146 -6.64 2.76 3.32
N PRO A 147 -7.19 2.86 2.09
CA PRO A 147 -6.66 2.41 0.80
C PRO A 147 -5.83 3.44 0.05
N ILE A 148 -4.88 2.94 -0.73
CA ILE A 148 -4.16 3.76 -1.69
C ILE A 148 -5.08 4.10 -2.85
N ILE A 149 -5.18 5.39 -3.18
CA ILE A 149 -6.00 5.82 -4.29
C ILE A 149 -5.12 6.56 -5.30
N ASP A 150 -3.83 6.23 -5.30
CA ASP A 150 -2.95 6.68 -6.38
C ASP A 150 -3.40 6.06 -7.69
N ILE A 151 -3.13 6.77 -8.79
CA ILE A 151 -3.41 6.28 -10.13
C ILE A 151 -2.10 5.75 -10.71
N ASP A 152 -2.09 4.47 -11.10
CA ASP A 152 -0.90 3.85 -11.66
C ASP A 152 -0.69 4.30 -13.11
N MET A 153 -0.55 5.61 -13.29
CA MET A 153 -0.37 6.17 -14.62
C MET A 153 0.96 5.74 -15.23
N ASN A 154 2.05 6.00 -14.51
CA ASN A 154 3.39 5.81 -15.06
C ASN A 154 3.86 4.39 -14.77
N PRO A 155 3.97 3.52 -15.78
CA PRO A 155 4.41 2.13 -15.49
C PRO A 155 5.84 2.01 -15.00
N GLU A 156 6.61 3.10 -14.99
CA GLU A 156 7.98 3.07 -14.49
C GLU A 156 8.09 3.49 -13.04
N ASN A 157 6.99 3.87 -12.40
CA ASN A 157 7.02 4.24 -10.99
C ASN A 157 7.20 2.98 -10.15
N PRO A 158 8.25 2.89 -9.33
CA PRO A 158 8.48 1.64 -8.58
C PRO A 158 7.64 1.48 -7.33
N ILE A 159 7.07 2.55 -6.79
CA ILE A 159 6.42 2.51 -5.48
C ILE A 159 4.90 2.53 -5.57
N THR A 160 4.34 2.57 -6.77
CA THR A 160 2.89 2.46 -6.93
C THR A 160 2.54 1.03 -7.34
N ASN A 161 2.35 0.81 -8.63
CA ASN A 161 2.31 -0.54 -9.21
C ASN A 161 1.18 -1.34 -8.54
N VAL A 162 1.42 -2.58 -8.11
CA VAL A 162 0.37 -3.46 -7.59
C VAL A 162 -0.26 -2.94 -6.31
N ARG A 163 0.28 -1.87 -5.71
CA ARG A 163 -0.33 -1.27 -4.54
C ARG A 163 -1.54 -0.42 -4.88
N THR A 164 -1.77 -0.14 -6.17
CA THR A 164 -2.92 0.63 -6.62
C THR A 164 -3.98 -0.31 -7.21
N TYR A 165 -5.18 0.25 -7.39
CA TYR A 165 -6.24 -0.43 -8.11
C TYR A 165 -6.19 -0.19 -9.62
N GLY A 166 -4.99 0.03 -10.16
CA GLY A 166 -4.83 0.23 -11.59
C GLY A 166 -4.74 1.69 -11.96
N SER A 167 -5.09 1.97 -13.22
CA SER A 167 -4.92 3.29 -13.80
C SER A 167 -6.23 3.91 -14.26
N ASP A 168 -7.38 3.37 -13.86
CA ASP A 168 -8.67 3.92 -14.25
C ASP A 168 -9.33 4.60 -13.06
N PRO A 169 -9.47 5.93 -13.06
CA PRO A 169 -10.05 6.62 -11.88
C PRO A 169 -11.38 6.06 -11.42
N GLU A 170 -12.27 5.67 -12.35
CA GLU A 170 -13.58 5.20 -11.93
C GLU A 170 -13.49 3.88 -11.17
N ARG A 171 -12.65 2.95 -11.64
CA ARG A 171 -12.46 1.70 -10.91
C ARG A 171 -11.81 1.96 -9.55
N ILE A 172 -10.81 2.85 -9.51
CA ILE A 172 -10.17 3.20 -8.25
C ILE A 172 -11.19 3.67 -7.23
N ILE A 173 -12.15 4.49 -7.68
CA ILE A 173 -13.18 4.98 -6.77
C ILE A 173 -14.06 3.84 -6.29
N ARG A 174 -14.48 2.97 -7.22
CA ARG A 174 -15.30 1.81 -6.83
C ARG A 174 -14.58 0.95 -5.81
N MET A 175 -13.33 0.60 -6.10
CA MET A 175 -12.60 -0.32 -5.23
C MET A 175 -12.26 0.32 -3.89
N ALA A 176 -11.81 1.57 -3.91
CA ALA A 176 -11.44 2.23 -2.66
C ALA A 176 -12.64 2.37 -1.73
N LYS A 177 -13.80 2.72 -2.27
CA LYS A 177 -14.99 2.85 -1.44
C LYS A 177 -15.41 1.51 -0.86
N ALA A 178 -15.32 0.44 -1.66
CA ALA A 178 -15.65 -0.89 -1.15
C ALA A 178 -14.67 -1.30 -0.04
N TYR A 179 -13.38 -1.08 -0.26
CA TYR A 179 -12.39 -1.37 0.78
C TYR A 179 -12.76 -0.69 2.09
N CYS A 180 -13.03 0.62 2.04
CA CYS A 180 -13.43 1.32 3.25
C CYS A 180 -14.68 0.71 3.85
N ARG A 181 -15.65 0.35 3.00
CA ARG A 181 -16.87 -0.28 3.50
C ARG A 181 -16.55 -1.52 4.32
N GLY A 182 -15.57 -2.32 3.88
CA GLY A 182 -15.20 -3.50 4.63
C GLY A 182 -14.52 -3.16 5.94
N CYS A 183 -13.70 -2.12 5.95
CA CYS A 183 -12.99 -1.73 7.17
C CYS A 183 -13.95 -1.19 8.22
N ARG A 184 -14.86 -0.31 7.81
CA ARG A 184 -15.77 0.30 8.77
C ARG A 184 -16.66 -0.74 9.43
N LYS A 185 -16.91 -1.86 8.76
CA LYS A 185 -17.69 -2.93 9.38
C LYS A 185 -17.00 -3.49 10.62
N TRP A 186 -15.69 -3.27 10.77
CA TRP A 186 -14.94 -3.78 11.90
C TRP A 186 -14.37 -2.67 12.76
N GLY A 187 -14.86 -1.44 12.59
CA GLY A 187 -14.46 -0.34 13.46
C GLY A 187 -13.03 0.10 13.29
N VAL A 188 -12.47 -0.02 12.09
CA VAL A 188 -11.09 0.38 11.81
C VAL A 188 -11.12 1.60 10.91
N LEU A 189 -10.42 2.65 11.33
CA LEU A 189 -10.31 3.86 10.52
C LEU A 189 -9.52 3.58 9.24
N THR A 190 -9.86 4.31 8.19
CA THR A 190 -9.20 4.18 6.89
C THR A 190 -8.36 5.43 6.63
N THR A 191 -7.45 5.29 5.67
CA THR A 191 -6.54 6.37 5.31
C THR A 191 -6.37 6.38 3.79
N ILE A 192 -6.81 7.46 3.16
CA ILE A 192 -6.61 7.64 1.72
C ILE A 192 -5.25 8.27 1.49
N LYS A 193 -4.47 7.67 0.59
CA LYS A 193 -3.11 8.12 0.30
C LYS A 193 -2.82 7.81 -1.15
N HIS A 194 -1.79 8.44 -1.72
CA HIS A 194 -0.92 9.44 -1.08
C HIS A 194 -1.16 10.83 -1.67
N PHE A 195 -1.79 11.69 -0.88
CA PHE A 195 -2.11 13.04 -1.36
C PHE A 195 -0.83 13.85 -1.51
N PRO A 196 -0.71 14.67 -2.57
CA PRO A 196 -1.67 14.98 -3.63
C PRO A 196 -1.75 13.95 -4.76
N GLY A 197 -1.11 12.80 -4.61
CA GLY A 197 -1.28 11.72 -5.57
C GLY A 197 0.00 11.26 -6.23
N ASP A 198 0.39 10.01 -5.96
CA ASP A 198 1.51 9.39 -6.64
C ASP A 198 1.04 8.70 -7.91
N GLY A 199 1.99 8.36 -8.77
CA GLY A 199 1.71 7.63 -9.99
C GLY A 199 1.93 8.40 -11.27
N VAL A 200 2.11 9.72 -11.21
CA VAL A 200 2.46 10.49 -12.40
C VAL A 200 3.96 10.44 -12.64
N ASP A 201 4.74 10.75 -11.61
CA ASP A 201 6.18 10.61 -11.67
C ASP A 201 6.55 9.13 -11.81
N TYR A 202 7.85 8.88 -11.99
CA TYR A 202 8.39 7.53 -12.05
C TYR A 202 9.42 7.30 -10.95
N ARG A 203 9.38 8.14 -9.90
CA ARG A 203 10.41 8.14 -8.88
C ARG A 203 9.77 8.04 -7.50
N ASP A 204 10.50 7.42 -6.58
CA ASP A 204 9.99 7.10 -5.26
C ASP A 204 10.15 8.28 -4.32
N GLN A 205 9.08 8.61 -3.58
CA GLN A 205 9.17 9.67 -2.59
C GLN A 205 9.97 9.26 -1.36
N HIS A 206 10.31 7.98 -1.21
CA HIS A 206 11.25 7.58 -0.18
C HIS A 206 12.63 8.14 -0.42
N LEU A 207 12.98 8.43 -1.69
CA LEU A 207 14.32 8.82 -2.07
C LEU A 207 14.42 10.27 -2.53
N MET A 208 13.31 10.98 -2.66
CA MET A 208 13.31 12.36 -3.11
C MET A 208 11.88 12.88 -2.95
N SER A 209 11.68 14.15 -3.30
CA SER A 209 10.33 14.71 -3.37
C SER A 209 9.84 14.57 -4.80
N SER A 210 9.09 13.49 -5.07
CA SER A 210 8.57 13.26 -6.40
C SER A 210 7.51 14.30 -6.73
N VAL A 211 7.21 14.44 -8.02
CA VAL A 211 6.43 15.56 -8.53
C VAL A 211 5.26 15.02 -9.34
N ASN A 212 4.04 15.41 -8.96
CA ASN A 212 2.85 15.23 -9.78
C ASN A 212 2.73 16.47 -10.65
N ASN A 213 3.21 16.38 -11.89
CA ASN A 213 3.37 17.55 -12.74
C ASN A 213 2.21 17.77 -13.70
N LEU A 214 1.07 17.12 -13.48
CA LEU A 214 -0.11 17.40 -14.29
C LEU A 214 -0.48 18.87 -14.18
N SER A 215 -1.17 19.36 -15.20
CA SER A 215 -1.75 20.69 -15.11
C SER A 215 -2.80 20.72 -13.99
N ALA A 216 -3.11 21.92 -13.53
CA ALA A 216 -4.13 22.06 -12.48
C ALA A 216 -5.43 21.41 -12.91
N ASP A 217 -5.86 21.67 -14.16
CA ASP A 217 -7.09 21.08 -14.67
C ASP A 217 -6.98 19.55 -14.72
N GLU A 218 -5.91 19.04 -15.32
CA GLU A 218 -5.73 17.60 -15.41
C GLU A 218 -5.77 16.95 -14.03
N TRP A 219 -5.08 17.54 -13.06
CA TRP A 219 -5.08 17.00 -11.71
C TRP A 219 -6.48 17.03 -11.12
N MET A 220 -7.16 18.17 -11.26
CA MET A 220 -8.50 18.30 -10.73
C MET A 220 -9.44 17.27 -11.35
N ASP A 221 -9.26 16.98 -12.65
CA ASP A 221 -10.13 16.06 -13.35
C ASP A 221 -9.87 14.60 -13.00
N THR A 222 -8.68 14.27 -12.48
CA THR A 222 -8.34 12.89 -12.19
C THR A 222 -8.18 12.67 -10.69
N TYR A 223 -7.00 13.03 -10.15
CA TYR A 223 -6.75 12.84 -8.72
C TYR A 223 -7.77 13.58 -7.87
N GLY A 224 -8.06 14.84 -8.22
CA GLY A 224 -9.06 15.59 -7.47
C GLY A 224 -10.41 14.90 -7.44
N ARG A 225 -10.83 14.35 -8.58
CA ARG A 225 -12.10 13.65 -8.65
C ARG A 225 -12.14 12.46 -7.69
N ILE A 226 -11.05 11.71 -7.61
CA ILE A 226 -11.00 10.55 -6.72
C ILE A 226 -11.08 10.99 -5.27
N TYR A 227 -10.26 11.99 -4.90
CA TYR A 227 -10.23 12.44 -3.51
C TYR A 227 -11.59 12.98 -3.09
N GLN A 228 -12.23 13.80 -3.93
CA GLN A 228 -13.57 14.27 -3.61
C GLN A 228 -14.53 13.11 -3.40
N ALA A 229 -14.38 12.05 -4.19
CA ALA A 229 -15.28 10.91 -4.08
C ALA A 229 -15.10 10.18 -2.76
N LEU A 230 -13.85 9.98 -2.33
CA LEU A 230 -13.59 9.32 -1.06
C LEU A 230 -13.89 10.23 0.13
N ILE A 231 -13.66 11.53 -0.01
CA ILE A 231 -14.00 12.47 1.05
C ILE A 231 -15.50 12.44 1.31
N GLU A 232 -16.30 12.50 0.24
CA GLU A 232 -17.74 12.48 0.39
C GLU A 232 -18.23 11.13 0.88
N ASP A 233 -17.50 10.06 0.56
CA ASP A 233 -17.85 8.72 1.04
C ASP A 233 -17.64 8.55 2.54
N GLY A 234 -16.92 9.47 3.19
CA GLY A 234 -16.74 9.44 4.62
C GLY A 234 -15.34 9.03 5.05
N ALA A 235 -14.34 9.30 4.23
CA ALA A 235 -12.97 8.98 4.57
C ALA A 235 -12.61 9.61 5.90
N GLU A 236 -12.08 8.79 6.81
CA GLU A 236 -11.80 9.25 8.17
C GLU A 236 -10.49 10.03 8.24
N THR A 237 -9.43 9.49 7.64
CA THR A 237 -8.12 10.11 7.69
C THR A 237 -7.52 10.18 6.29
N LEU A 238 -6.58 11.10 6.13
CA LEU A 238 -5.88 11.31 4.88
C LEU A 238 -4.40 11.46 5.17
N MET A 239 -3.56 10.91 4.31
CA MET A 239 -2.11 10.97 4.46
C MET A 239 -1.56 11.93 3.42
N SER A 240 -1.01 13.05 3.89
CA SER A 240 -0.36 14.03 3.03
C SER A 240 1.10 13.62 2.88
N ALA A 241 1.47 13.19 1.67
CA ALA A 241 2.79 12.65 1.43
C ALA A 241 3.74 13.71 0.92
N HIS A 242 4.98 13.31 0.67
CA HIS A 242 6.06 14.22 0.26
C HIS A 242 6.12 14.37 -1.25
N ILE A 243 4.96 14.54 -1.87
CA ILE A 243 4.84 14.67 -3.31
C ILE A 243 4.39 16.09 -3.63
N ARG A 244 5.02 16.70 -4.62
CA ARG A 244 4.70 18.06 -5.00
C ARG A 244 3.70 18.08 -6.15
N GLN A 245 2.84 19.08 -6.15
CA GLN A 245 1.96 19.40 -7.28
C GLN A 245 2.14 20.88 -7.57
N PRO A 246 3.17 21.23 -8.35
CA PRO A 246 3.45 22.68 -8.55
C PRO A 246 2.32 23.44 -9.21
N ASN A 247 1.68 22.87 -10.23
CA ASN A 247 0.66 23.61 -10.96
C ASN A 247 -0.57 23.87 -10.10
N VAL A 248 -0.98 22.89 -9.29
CA VAL A 248 -2.09 23.12 -8.36
C VAL A 248 -1.70 24.17 -7.33
N THR A 249 -0.47 24.07 -6.79
CA THR A 249 -0.02 25.06 -5.83
C THR A 249 -0.07 26.46 -6.41
N ARG A 250 0.46 26.63 -7.62
CA ARG A 250 0.44 27.95 -8.27
C ARG A 250 -0.99 28.43 -8.49
N MET A 251 -1.93 27.51 -8.72
CA MET A 251 -3.32 27.92 -8.89
C MET A 251 -3.85 28.58 -7.62
N VAL A 252 -3.49 28.03 -6.46
CA VAL A 252 -3.92 28.62 -5.19
C VAL A 252 -3.12 29.89 -4.91
N ASN A 253 -1.82 29.88 -5.23
CA ASN A 253 -0.91 30.98 -4.91
C ASN A 253 -0.12 31.33 -6.16
N PRO A 254 -0.71 32.11 -7.07
CA PRO A 254 -0.02 32.40 -8.34
C PRO A 254 1.34 33.06 -8.19
N LEU A 255 1.59 33.77 -7.10
CA LEU A 255 2.85 34.46 -6.90
C LEU A 255 3.91 33.61 -6.21
N ILE A 256 3.60 32.34 -5.91
CA ILE A 256 4.56 31.50 -5.21
C ILE A 256 5.76 31.25 -6.10
N LYS A 257 6.95 31.27 -5.49
CA LYS A 257 8.18 30.97 -6.20
C LYS A 257 8.41 29.47 -6.22
N ASP A 258 9.01 28.99 -7.32
CA ASP A 258 9.24 27.56 -7.47
C ASP A 258 9.98 26.98 -6.28
N GLU A 259 10.82 27.78 -5.61
CA GLU A 259 11.57 27.31 -4.45
C GLU A 259 10.71 27.22 -3.21
N GLU A 260 9.59 27.96 -3.16
CA GLU A 260 8.68 27.90 -2.02
C GLU A 260 7.70 26.75 -2.13
N ILE A 261 7.51 26.19 -3.32
CA ILE A 261 6.54 25.11 -3.51
C ILE A 261 6.98 23.90 -2.73
N MET A 262 6.18 23.52 -1.72
CA MET A 262 6.49 22.42 -0.83
C MET A 262 5.68 21.19 -1.21
N PRO A 263 6.13 20.00 -0.80
CA PRO A 263 5.31 18.81 -0.98
C PRO A 263 4.08 18.85 -0.08
N GLY A 264 3.17 17.90 -0.31
CA GLY A 264 1.93 17.88 0.43
C GLY A 264 2.13 17.99 1.92
N SER A 265 3.06 17.21 2.47
CA SER A 265 3.27 17.14 3.92
C SER A 265 3.73 18.46 4.51
N LEU A 266 4.07 19.46 3.68
CA LEU A 266 4.53 20.75 4.16
C LEU A 266 3.79 21.92 3.51
N SER A 267 2.85 21.66 2.61
CA SER A 267 2.24 22.69 1.77
C SER A 267 0.93 23.15 2.38
N LYS A 268 0.83 24.46 2.65
CA LYS A 268 -0.44 25.03 3.11
C LYS A 268 -1.42 25.21 1.95
N GLU A 269 -0.90 25.41 0.73
CA GLU A 269 -1.78 25.54 -0.42
C GLU A 269 -2.53 24.25 -0.70
N LEU A 270 -1.87 23.10 -0.49
CA LEU A 270 -2.48 21.81 -0.79
C LEU A 270 -3.35 21.32 0.37
N MET A 271 -2.83 21.41 1.59
CA MET A 271 -3.55 20.85 2.73
C MET A 271 -4.67 21.77 3.22
N GLN A 272 -4.46 23.08 3.17
CA GLN A 272 -5.47 24.04 3.60
C GLN A 272 -6.21 24.68 2.44
N GLY A 273 -5.52 24.94 1.33
CA GLY A 273 -6.20 25.53 0.19
C GLY A 273 -7.13 24.56 -0.52
N ILE A 274 -6.64 23.36 -0.80
CA ILE A 274 -7.40 22.38 -1.56
C ILE A 274 -8.23 21.50 -0.64
N LEU A 275 -7.57 20.77 0.26
CA LEU A 275 -8.28 19.83 1.13
C LEU A 275 -9.29 20.55 2.01
N ARG A 276 -8.82 21.36 2.96
CA ARG A 276 -9.73 22.02 3.89
C ARG A 276 -10.67 22.96 3.15
N GLY A 277 -10.15 23.75 2.22
CA GLY A 277 -10.94 24.77 1.57
C GLY A 277 -11.81 24.22 0.45
N ARG A 278 -11.21 24.00 -0.71
CA ARG A 278 -11.97 23.64 -1.90
C ARG A 278 -12.73 22.34 -1.70
N PHE A 279 -12.08 21.32 -1.15
CA PHE A 279 -12.70 20.01 -1.00
C PHE A 279 -13.45 19.84 0.31
N HIS A 280 -13.21 20.70 1.29
CA HIS A 280 -13.93 20.65 2.56
C HIS A 280 -13.70 19.33 3.30
N PHE A 281 -12.48 18.82 3.23
CA PHE A 281 -12.13 17.64 4.02
C PHE A 281 -12.09 18.01 5.50
N ASN A 282 -12.79 17.23 6.32
CA ASN A 282 -12.94 17.52 7.73
C ASN A 282 -12.32 16.46 8.63
N GLY A 283 -11.70 15.43 8.05
CA GLY A 283 -11.12 14.36 8.82
C GLY A 283 -9.70 14.67 9.27
N LEU A 284 -9.03 13.62 9.73
CA LEU A 284 -7.69 13.72 10.30
C LEU A 284 -6.65 13.66 9.18
N ILE A 285 -5.77 14.66 9.14
CA ILE A 285 -4.64 14.69 8.21
C ILE A 285 -3.39 14.29 8.98
N CYS A 286 -2.65 13.32 8.45
CA CYS A 286 -1.34 12.97 8.96
C CYS A 286 -0.34 12.99 7.81
N THR A 287 0.92 13.24 8.14
CA THR A 287 1.96 13.18 7.13
C THR A 287 2.33 11.73 6.86
N ASP A 288 2.95 11.51 5.70
CA ASP A 288 3.67 10.26 5.50
C ASP A 288 4.93 10.28 6.36
N ALA A 289 5.63 9.15 6.39
CA ALA A 289 6.76 8.98 7.29
C ALA A 289 7.76 10.11 7.14
N THR A 290 8.15 10.70 8.27
CA THR A 290 8.97 11.91 8.24
C THR A 290 10.45 11.64 7.96
N GLN A 291 10.91 10.38 8.03
CA GLN A 291 12.30 10.09 7.72
C GLN A 291 12.52 9.82 6.24
N MET A 292 11.47 9.86 5.43
CA MET A 292 11.64 9.68 3.99
C MET A 292 12.34 10.89 3.39
N VAL A 293 13.19 10.63 2.40
CA VAL A 293 14.00 11.69 1.81
C VAL A 293 13.11 12.82 1.29
N GLY A 294 11.97 12.47 0.69
CA GLY A 294 11.07 13.49 0.17
C GLY A 294 10.73 14.56 1.19
N TYR A 295 10.70 14.20 2.47
CA TYR A 295 10.43 15.15 3.53
C TYR A 295 11.72 15.85 3.99
N THR A 296 12.76 15.08 4.26
CA THR A 296 13.94 15.65 4.91
C THR A 296 14.70 16.60 4.00
N CYS A 297 14.60 16.42 2.68
CA CYS A 297 15.36 17.26 1.75
C CYS A 297 14.63 18.53 1.35
N SER A 298 13.38 18.71 1.78
CA SER A 298 12.58 19.86 1.36
C SER A 298 12.74 21.07 2.26
N MET A 299 13.28 20.89 3.47
CA MET A 299 13.32 21.97 4.45
C MET A 299 14.14 21.52 5.67
N PRO A 300 14.85 22.42 6.34
CA PRO A 300 15.52 22.04 7.58
C PRO A 300 14.53 21.41 8.55
N ARG A 301 14.93 20.30 9.17
CA ARG A 301 13.99 19.52 9.96
C ARG A 301 13.46 20.32 11.16
N HIS A 302 14.33 21.07 11.84
CA HIS A 302 13.88 21.84 13.00
CA HIS A 302 13.88 21.85 12.99
C HIS A 302 12.75 22.79 12.62
N GLU A 303 12.69 23.21 11.36
CA GLU A 303 11.59 24.05 10.87
C GLU A 303 10.44 23.21 10.32
N ALA A 304 10.77 22.09 9.68
CA ALA A 304 9.76 21.35 8.93
C ALA A 304 8.69 20.77 9.84
N LEU A 305 9.11 20.15 10.94
CA LEU A 305 8.16 19.46 11.81
C LEU A 305 7.06 20.41 12.31
N PRO A 306 7.36 21.57 12.88
CA PRO A 306 6.27 22.49 13.26
C PRO A 306 5.54 23.07 12.07
N THR A 307 6.24 23.33 10.97
CA THR A 307 5.59 23.90 9.79
C THR A 307 4.53 22.96 9.23
N SER A 308 4.80 21.65 9.25
CA SER A 308 3.83 20.68 8.75
C SER A 308 2.50 20.83 9.48
N ILE A 309 2.55 20.96 10.80
CA ILE A 309 1.32 21.11 11.59
C ILE A 309 0.68 22.48 11.31
N GLN A 310 1.49 23.54 11.33
CA GLN A 310 0.97 24.87 11.06
C GLN A 310 0.27 24.95 9.72
N ASN A 311 0.75 24.20 8.72
CA ASN A 311 0.23 24.30 7.37
C ASN A 311 -0.91 23.33 7.07
N GLY A 312 -1.41 22.63 8.08
CA GLY A 312 -2.65 21.88 7.91
C GLY A 312 -2.63 20.45 8.43
N ALA A 313 -1.45 19.88 8.60
CA ALA A 313 -1.37 18.50 9.09
C ALA A 313 -1.71 18.44 10.57
N ASP A 314 -2.44 17.39 10.95
CA ASP A 314 -2.77 17.16 12.35
C ASP A 314 -1.77 16.25 13.05
N MET A 315 -1.01 15.45 12.30
CA MET A 315 -0.18 14.43 12.91
C MET A 315 1.10 14.22 12.08
N LEU A 316 2.21 14.09 12.78
CA LEU A 316 3.49 13.71 12.18
C LEU A 316 3.70 12.22 12.34
N THR A 317 4.01 11.54 11.26
CA THR A 317 4.17 10.08 11.25
C THR A 317 5.64 9.74 11.43
N PHE A 318 6.00 9.30 12.63
CA PHE A 318 7.33 8.80 12.96
C PHE A 318 8.32 9.92 13.20
N THR A 319 9.33 9.64 14.04
CA THR A 319 10.40 10.58 14.34
C THR A 319 11.72 10.02 13.86
N LEU A 320 12.71 10.89 13.72
CA LEU A 320 14.06 10.48 13.35
C LEU A 320 14.88 10.27 14.62
N ASN A 321 15.34 11.37 15.22
CA ASN A 321 15.84 11.35 16.58
C ASN A 321 14.73 11.89 17.48
N PRO A 322 14.10 11.05 18.31
CA PRO A 322 12.90 11.54 19.03
C PRO A 322 13.16 12.72 19.94
N THR A 323 14.33 12.77 20.58
CA THR A 323 14.64 13.90 21.45
C THR A 323 14.72 15.19 20.64
N GLU A 324 15.52 15.18 19.57
CA GLU A 324 15.65 16.36 18.72
C GLU A 324 14.32 16.77 18.12
N ASP A 325 13.48 15.80 17.73
CA ASP A 325 12.23 16.13 17.07
C ASP A 325 11.25 16.80 18.02
N PHE A 326 11.08 16.25 19.22
CA PHE A 326 10.19 16.86 20.19
C PHE A 326 10.69 18.24 20.60
N LYS A 327 11.99 18.37 20.84
CA LYS A 327 12.58 19.67 21.12
C LYS A 327 12.27 20.67 20.01
N ALA A 328 12.26 20.21 18.75
CA ALA A 328 11.95 21.10 17.65
C ALA A 328 10.50 21.54 17.68
N LEU A 329 9.59 20.65 18.06
CA LEU A 329 8.18 21.03 18.21
C LEU A 329 8.01 22.02 19.35
N GLN A 330 8.69 21.79 20.48
CA GLN A 330 8.63 22.73 21.59
C GLN A 330 9.07 24.13 21.15
N GLU A 331 10.21 24.22 20.47
CA GLU A 331 10.73 25.52 20.07
C GLU A 331 9.84 26.16 19.01
N GLY A 332 9.35 25.37 18.05
CA GLY A 332 8.45 25.91 17.06
C GLY A 332 7.22 26.55 17.67
N LEU A 333 6.62 25.88 18.66
CA LEU A 333 5.48 26.46 19.37
C LEU A 333 5.90 27.70 20.16
N SER A 334 7.09 27.66 20.77
CA SER A 334 7.55 28.79 21.57
C SER A 334 7.77 30.03 20.72
N CYS A 335 8.48 29.89 19.60
CA CYS A 335 8.85 31.02 18.77
C CYS A 335 7.83 31.37 17.70
N GLY A 336 6.76 30.60 17.55
CA GLY A 336 5.66 30.97 16.69
C GLY A 336 5.57 30.23 15.37
N LEU A 337 6.54 29.37 15.03
CA LEU A 337 6.40 28.55 13.82
C LEU A 337 5.10 27.78 13.85
N LEU A 338 4.70 27.31 15.03
CA LEU A 338 3.40 26.70 15.26
C LEU A 338 2.65 27.55 16.27
N THR A 339 1.40 27.88 15.95
CA THR A 339 0.58 28.67 16.85
C THR A 339 -0.14 27.78 17.84
N HIS A 340 -0.30 28.26 19.07
CA HIS A 340 -1.08 27.54 20.06
C HIS A 340 -2.48 27.23 19.55
N GLU A 341 -3.02 28.12 18.71
CA GLU A 341 -4.38 27.93 18.21
C GLU A 341 -4.45 26.79 17.21
N ARG A 342 -3.45 26.68 16.34
CA ARG A 342 -3.40 25.53 15.44
C ARG A 342 -3.07 24.24 16.18
N LEU A 343 -2.29 24.33 17.27
CA LEU A 343 -1.99 23.15 18.06
C LEU A 343 -3.25 22.57 18.68
N ASP A 344 -4.08 23.42 19.30
CA ASP A 344 -5.32 22.94 19.91
C ASP A 344 -6.25 22.35 18.87
N GLU A 345 -6.31 22.95 17.68
CA GLU A 345 -7.19 22.44 16.64
C GLU A 345 -6.72 21.07 16.14
N ALA A 346 -5.41 20.86 16.08
CA ALA A 346 -4.89 19.56 15.68
C ALA A 346 -5.24 18.50 16.71
N VAL A 347 -4.96 18.78 17.99
CA VAL A 347 -5.26 17.83 19.05
C VAL A 347 -6.76 17.54 19.10
N ALA A 348 -7.58 18.57 18.88
CA ALA A 348 -9.02 18.37 18.87
C ALA A 348 -9.42 17.30 17.86
N ARG A 349 -8.86 17.37 16.65
CA ARG A 349 -9.16 16.37 15.64
C ARG A 349 -8.58 15.00 16.01
N ILE A 350 -7.42 14.97 16.67
CA ILE A 350 -6.85 13.71 17.11
C ILE A 350 -7.72 13.08 18.19
N LEU A 351 -8.07 13.87 19.21
CA LEU A 351 -8.93 13.35 20.28
C LEU A 351 -10.30 12.98 19.76
N GLY A 352 -10.79 13.67 18.74
CA GLY A 352 -12.11 13.37 18.21
C GLY A 352 -12.18 12.01 17.55
N MET A 353 -11.10 11.61 16.86
CA MET A 353 -11.07 10.27 16.29
C MET A 353 -10.95 9.21 17.36
N LYS A 354 -10.27 9.51 18.46
CA LYS A 354 -10.24 8.59 19.59
C LYS A 354 -11.62 8.49 20.24
N ALA A 355 -12.34 9.61 20.30
CA ALA A 355 -13.72 9.57 20.80
C ALA A 355 -14.64 8.86 19.81
N LYS A 356 -14.43 9.08 18.50
CA LYS A 356 -15.25 8.41 17.50
C LYS A 356 -15.13 6.89 17.63
N LEU A 357 -13.92 6.39 17.89
CA LEU A 357 -13.72 4.97 18.12
C LEU A 357 -14.23 4.51 19.47
N ARG A 358 -14.64 5.43 20.34
CA ARG A 358 -15.13 5.11 21.66
C ARG A 358 -14.06 4.38 22.48
N LEU A 359 -12.81 4.80 22.30
CA LEU A 359 -11.69 4.31 23.09
C LEU A 359 -11.77 4.83 24.53
N PRO A 360 -12.20 6.06 24.76
CA PRO A 360 -12.26 6.55 26.16
C PRO A 360 -13.17 5.70 27.03
N GLU A 361 -14.37 5.39 26.56
CA GLU A 361 -15.34 4.67 27.38
C GLU A 361 -14.96 3.20 27.55
N ARG A 362 -14.33 2.61 26.54
CA ARG A 362 -13.95 1.20 26.62
C ARG A 362 -13.15 0.92 27.88
N LYS A 363 -13.42 -0.23 28.49
CA LYS A 363 -12.75 -0.67 29.71
C LYS A 363 -12.27 -2.11 29.59
N ASP A 364 -11.72 -2.45 28.42
CA ASP A 364 -11.18 -3.79 28.19
C ASP A 364 -9.97 -3.70 27.26
N VAL A 365 -10.04 -2.77 26.30
CA VAL A 365 -8.95 -2.46 25.37
C VAL A 365 -8.97 -3.43 24.20
N VAL A 366 -8.48 -4.64 24.41
CA VAL A 366 -8.40 -5.63 23.32
C VAL A 366 -9.66 -6.47 23.31
N PRO A 367 -10.06 -7.03 22.16
CA PRO A 367 -11.25 -7.89 22.13
C PRO A 367 -10.97 -9.21 22.83
N PRO A 368 -12.00 -10.01 23.07
CA PRO A 368 -11.77 -11.32 23.70
C PRO A 368 -10.85 -12.17 22.85
N LEU A 369 -10.07 -13.03 23.52
CA LEU A 369 -9.12 -13.89 22.82
C LEU A 369 -9.78 -14.67 21.71
N HIS A 370 -11.07 -14.98 21.85
CA HIS A 370 -11.81 -15.65 20.78
C HIS A 370 -11.75 -14.88 19.48
N ALA A 371 -11.50 -13.57 19.53
CA ALA A 371 -11.36 -12.78 18.31
C ALA A 371 -10.19 -13.27 17.47
N MET A 372 -9.14 -13.80 18.11
CA MET A 372 -7.96 -14.27 17.39
C MET A 372 -8.29 -15.36 16.38
N GLU A 373 -9.42 -16.04 16.54
CA GLU A 373 -9.75 -17.16 15.66
C GLU A 373 -10.10 -16.71 14.26
N ARG A 374 -10.41 -15.42 14.06
CA ARG A 374 -10.67 -14.91 12.72
C ARG A 374 -9.40 -14.90 11.86
N ILE A 375 -8.22 -14.86 12.50
CA ILE A 375 -6.98 -14.75 11.74
C ILE A 375 -6.68 -16.08 11.05
N GLN A 376 -6.47 -16.02 9.74
CA GLN A 376 -6.31 -17.22 8.91
C GLN A 376 -7.53 -18.13 9.02
N SER A 377 -8.71 -17.54 9.17
CA SER A 377 -9.93 -18.32 9.21
C SER A 377 -10.23 -18.90 7.83
N LYS A 378 -11.10 -19.92 7.83
CA LYS A 378 -11.49 -20.55 6.57
C LYS A 378 -12.08 -19.54 5.59
N LYS A 379 -12.95 -18.66 6.09
CA LYS A 379 -13.56 -17.67 5.22
C LYS A 379 -12.52 -16.77 4.57
N HIS A 380 -11.53 -16.32 5.35
CA HIS A 380 -10.49 -15.45 4.80
C HIS A 380 -9.64 -16.19 3.77
N LYS A 381 -9.27 -17.44 4.08
CA LYS A 381 -8.55 -18.24 3.09
C LYS A 381 -9.39 -18.47 1.85
N LYS A 382 -10.71 -18.60 2.00
CA LYS A 382 -11.57 -18.87 0.86
C LYS A 382 -11.71 -17.66 -0.04
N TRP A 383 -11.77 -16.46 0.54
CA TRP A 383 -11.80 -15.25 -0.29
C TRP A 383 -10.51 -15.11 -1.08
N ALA A 384 -9.38 -15.48 -0.48
CA ALA A 384 -8.11 -15.41 -1.19
C ALA A 384 -8.13 -16.31 -2.44
N LEU A 385 -8.81 -17.45 -2.36
CA LEU A 385 -8.87 -18.35 -3.50
C LEU A 385 -9.86 -17.88 -4.56
N GLU A 386 -10.95 -17.23 -4.14
CA GLU A 386 -11.88 -16.65 -5.10
C GLU A 386 -11.22 -15.53 -5.89
N ILE A 387 -10.53 -14.61 -5.20
CA ILE A 387 -9.89 -13.49 -5.86
C ILE A 387 -8.85 -13.99 -6.85
N ALA A 388 -8.04 -14.98 -6.45
CA ALA A 388 -7.05 -15.53 -7.37
C ALA A 388 -7.71 -16.13 -8.60
N ASP A 389 -8.83 -16.84 -8.40
CA ASP A 389 -9.56 -17.41 -9.52
C ASP A 389 -10.06 -16.34 -10.47
N GLU A 390 -10.43 -15.17 -9.94
CA GLU A 390 -11.05 -14.12 -10.74
C GLU A 390 -10.06 -13.10 -11.27
N SER A 391 -8.83 -13.08 -10.78
CA SER A 391 -7.89 -12.01 -11.09
C SER A 391 -6.88 -12.38 -12.16
N ILE A 392 -6.40 -13.63 -12.18
CA ILE A 392 -5.33 -14.00 -13.11
C ILE A 392 -5.76 -13.68 -14.53
N THR A 393 -4.92 -12.93 -15.24
CA THR A 393 -5.28 -12.34 -16.52
C THR A 393 -4.38 -12.89 -17.62
N LEU A 394 -5.00 -13.47 -18.63
CA LEU A 394 -4.30 -13.87 -19.86
C LEU A 394 -4.13 -12.63 -20.72
N VAL A 395 -2.93 -12.07 -20.72
CA VAL A 395 -2.68 -10.80 -21.42
C VAL A 395 -2.31 -11.04 -22.88
N LYS A 396 -1.43 -12.00 -23.13
CA LYS A 396 -0.90 -12.26 -24.46
C LYS A 396 -0.95 -13.76 -24.70
N ASP A 397 -1.50 -14.16 -25.85
CA ASP A 397 -1.69 -15.57 -26.17
C ASP A 397 -1.57 -15.73 -27.68
N LYS A 398 -0.37 -15.49 -28.21
CA LYS A 398 -0.12 -15.52 -29.64
C LYS A 398 0.66 -16.77 -30.07
N GLN A 399 0.60 -17.84 -29.28
CA GLN A 399 1.23 -19.12 -29.63
C GLN A 399 0.13 -20.18 -29.68
N LYS A 400 -0.28 -20.53 -30.90
CA LYS A 400 -1.41 -21.44 -31.07
C LYS A 400 -1.08 -22.81 -30.49
N GLY A 401 -2.05 -23.38 -29.77
CA GLY A 401 -1.93 -24.72 -29.24
C GLY A 401 -1.16 -24.84 -27.95
N LEU A 402 -0.50 -23.77 -27.49
CA LEU A 402 0.29 -23.87 -26.26
C LEU A 402 -0.60 -24.17 -25.06
N LEU A 403 -1.63 -23.33 -24.85
CA LEU A 403 -2.53 -23.59 -23.74
C LEU A 403 -3.77 -24.35 -24.23
N PRO A 404 -4.33 -25.27 -23.43
CA PRO A 404 -3.88 -25.62 -22.07
C PRO A 404 -2.64 -26.52 -22.08
N LEU A 405 -1.81 -26.40 -21.04
CA LEU A 405 -0.64 -27.24 -20.94
C LEU A 405 -1.03 -28.68 -20.65
N SER A 406 -0.16 -29.61 -21.08
CA SER A 406 -0.34 -31.02 -20.78
C SER A 406 1.00 -31.70 -20.99
N PRO A 407 1.40 -32.64 -20.12
CA PRO A 407 2.70 -33.32 -20.33
C PRO A 407 2.79 -34.06 -21.65
N GLN A 408 1.68 -34.30 -22.34
CA GLN A 408 1.71 -34.98 -23.63
C GLN A 408 2.13 -34.06 -24.76
N LYS A 409 2.13 -32.74 -24.55
CA LYS A 409 2.63 -31.78 -25.52
C LYS A 409 4.01 -31.23 -25.16
N THR A 410 4.27 -31.00 -23.87
CA THR A 410 5.55 -30.47 -23.39
C THR A 410 5.90 -31.20 -22.10
N LYS A 411 6.66 -32.28 -22.22
CA LYS A 411 7.02 -33.08 -21.05
C LYS A 411 8.05 -32.36 -20.19
N ARG A 412 9.15 -31.92 -20.80
CA ARG A 412 10.29 -31.38 -20.08
C ARG A 412 10.21 -29.86 -20.03
N ILE A 413 10.26 -29.31 -18.83
CA ILE A 413 10.12 -27.88 -18.60
C ILE A 413 11.35 -27.37 -17.85
N ILE A 414 11.89 -26.25 -18.31
CA ILE A 414 12.88 -25.49 -17.57
C ILE A 414 12.16 -24.34 -16.88
N LEU A 415 12.23 -24.29 -15.56
CA LEU A 415 11.58 -23.24 -14.78
C LEU A 415 12.61 -22.18 -14.44
N VAL A 416 12.35 -20.95 -14.88
CA VAL A 416 13.27 -19.83 -14.70
C VAL A 416 12.65 -18.86 -13.71
N GLN A 417 13.33 -18.66 -12.58
CA GLN A 417 12.89 -17.69 -11.59
C GLN A 417 13.53 -16.33 -11.88
N ALA A 418 12.75 -15.26 -11.65
CA ALA A 418 13.26 -13.91 -11.74
C ALA A 418 12.59 -13.10 -10.63
N THR A 419 13.40 -12.50 -9.76
CA THR A 419 12.86 -11.80 -8.61
C THR A 419 13.89 -10.80 -8.11
N ASN A 420 13.41 -9.78 -7.41
CA ASN A 420 14.27 -8.86 -6.68
C ASN A 420 14.34 -9.19 -5.20
N GLU A 421 13.68 -10.26 -4.76
CA GLU A 421 13.84 -10.76 -3.41
C GLU A 421 15.13 -11.57 -3.31
N LYS A 422 15.49 -11.94 -2.07
CA LYS A 422 16.68 -12.74 -1.79
C LYS A 422 16.31 -13.82 -0.78
N PRO A 423 15.49 -14.78 -1.20
CA PRO A 423 15.06 -15.82 -0.26
C PRO A 423 16.17 -16.80 0.06
N GLU A 424 16.20 -17.26 1.31
CA GLU A 424 17.19 -18.25 1.71
C GLU A 424 17.02 -19.52 0.88
N GLY A 425 18.15 -20.06 0.44
CA GLY A 425 18.16 -21.21 -0.45
C GLY A 425 18.14 -20.86 -1.92
N GLY A 426 17.82 -19.62 -2.26
CA GLY A 426 17.86 -19.15 -3.63
C GLY A 426 16.51 -19.08 -4.32
N TYR A 427 15.52 -19.84 -3.85
CA TYR A 427 14.24 -19.94 -4.53
C TYR A 427 13.10 -19.53 -3.62
N LEU A 428 12.13 -18.83 -4.19
CA LEU A 428 10.93 -18.45 -3.46
C LEU A 428 10.10 -19.67 -3.15
N SER A 429 9.63 -19.78 -1.90
CA SER A 429 8.76 -20.89 -1.54
C SER A 429 7.59 -21.02 -2.50
N GLU A 430 7.05 -19.88 -2.94
CA GLU A 430 5.96 -19.92 -3.92
C GLU A 430 6.43 -20.50 -5.24
N ALA A 431 7.68 -20.28 -5.62
CA ALA A 431 8.20 -20.88 -6.85
C ALA A 431 8.44 -22.37 -6.68
N ARG A 432 8.97 -22.78 -5.52
CA ARG A 432 9.12 -24.21 -5.25
C ARG A 432 7.77 -24.93 -5.29
N LEU A 433 6.75 -24.32 -4.67
CA LEU A 433 5.41 -24.90 -4.73
C LEU A 433 4.94 -25.05 -6.17
N PHE A 434 5.03 -23.98 -6.95
CA PHE A 434 4.66 -24.04 -8.37
C PHE A 434 5.40 -25.18 -9.06
N LYS A 435 6.70 -25.30 -8.82
CA LYS A 435 7.47 -26.39 -9.42
C LYS A 435 6.91 -27.74 -9.01
N GLY A 436 6.68 -27.94 -7.71
CA GLY A 436 6.18 -29.21 -7.22
C GLY A 436 4.81 -29.55 -7.77
N LEU A 437 3.96 -28.54 -7.97
CA LEU A 437 2.63 -28.80 -8.50
C LEU A 437 2.67 -29.15 -9.98
N LEU A 438 3.59 -28.52 -10.73
CA LEU A 438 3.79 -28.94 -12.12
C LEU A 438 4.21 -30.40 -12.20
N GLU A 439 5.07 -30.84 -11.28
CA GLU A 439 5.49 -32.23 -11.28
C GLU A 439 4.34 -33.16 -10.91
N LYS A 440 3.44 -32.71 -10.05
CA LYS A 440 2.24 -33.51 -9.72
C LYS A 440 1.40 -33.74 -10.98
N GLU A 441 1.34 -32.75 -11.87
CA GLU A 441 0.57 -32.90 -13.10
C GLU A 441 1.23 -33.89 -14.07
N GLY A 442 2.50 -34.21 -13.87
CA GLY A 442 3.22 -35.11 -14.72
C GLY A 442 4.32 -34.49 -15.57
N PHE A 443 4.75 -33.26 -15.25
CA PHE A 443 5.82 -32.63 -15.99
C PHE A 443 7.17 -32.96 -15.37
N ILE A 444 8.21 -32.95 -16.22
CA ILE A 444 9.59 -32.94 -15.75
C ILE A 444 10.04 -31.49 -15.69
N VAL A 445 10.38 -31.01 -14.50
CA VAL A 445 10.68 -29.60 -14.28
C VAL A 445 12.05 -29.50 -13.62
N HIS A 446 12.99 -28.85 -14.31
CA HIS A 446 14.27 -28.48 -13.75
C HIS A 446 14.38 -26.97 -13.65
N TRP A 447 15.10 -26.49 -12.65
CA TRP A 447 15.45 -25.08 -12.59
C TRP A 447 16.46 -24.75 -13.69
N PHE A 448 16.43 -23.49 -14.14
CA PHE A 448 17.40 -23.03 -15.12
C PHE A 448 18.83 -23.37 -14.70
N GLU A 449 19.10 -23.27 -13.40
CA GLU A 449 20.45 -23.46 -12.88
C GLU A 449 20.89 -24.91 -12.95
N GLU A 450 19.99 -25.85 -13.20
CA GLU A 450 20.30 -27.27 -13.13
C GLU A 450 20.71 -27.87 -14.46
N VAL A 451 20.44 -27.22 -15.57
CA VAL A 451 20.61 -27.84 -16.89
C VAL A 451 21.53 -26.96 -17.71
N PRO A 452 22.18 -27.52 -18.73
CA PRO A 452 23.08 -26.72 -19.57
C PRO A 452 22.32 -25.69 -20.40
N ARG A 453 23.08 -24.76 -20.95
CA ARG A 453 22.55 -23.73 -21.83
C ARG A 453 23.46 -23.60 -23.04
N PRO A 454 22.93 -23.13 -24.18
CA PRO A 454 23.75 -23.09 -25.39
C PRO A 454 25.05 -22.34 -25.20
N GLY A 455 26.11 -22.85 -25.83
CA GLY A 455 27.44 -22.28 -25.74
C GLY A 455 28.41 -23.06 -26.61
N THR A 456 29.70 -23.02 -26.26
CA THR A 456 30.69 -23.74 -27.05
C THR A 456 30.50 -25.24 -26.99
N GLY A 457 29.93 -25.76 -25.91
CA GLY A 457 29.78 -27.19 -25.73
C GLY A 457 28.34 -27.67 -25.63
N TYR A 458 27.39 -26.84 -26.04
CA TYR A 458 25.98 -27.18 -25.97
C TYR A 458 25.25 -26.36 -27.03
N SER A 459 24.50 -27.03 -27.89
CA SER A 459 23.88 -26.40 -29.04
C SER A 459 22.40 -26.12 -28.77
N ILE A 460 21.80 -25.32 -29.65
CA ILE A 460 20.36 -25.08 -29.59
C ILE A 460 19.60 -26.36 -29.93
N GLU A 461 20.15 -27.19 -30.83
CA GLU A 461 19.55 -28.48 -31.10
C GLU A 461 19.54 -29.34 -29.84
N ASP A 462 20.64 -29.33 -29.09
CA ASP A 462 20.68 -30.03 -27.81
C ASP A 462 19.60 -29.50 -26.87
N LEU A 463 19.49 -28.18 -26.75
CA LEU A 463 18.48 -27.58 -25.90
C LEU A 463 17.08 -28.02 -26.30
N LYS A 464 16.78 -27.96 -27.60
CA LYS A 464 15.48 -28.40 -28.09
C LYS A 464 15.28 -29.90 -27.89
N ARG A 465 16.38 -30.67 -27.79
CA ARG A 465 16.27 -32.09 -27.51
C ARG A 465 15.91 -32.34 -26.05
N ASP A 466 16.36 -31.46 -25.15
CA ASP A 466 16.17 -31.64 -23.71
C ASP A 466 15.04 -30.79 -23.16
N THR A 467 14.53 -29.82 -23.91
CA THR A 467 13.56 -28.86 -23.39
C THR A 467 12.38 -28.74 -24.35
N ASP A 468 11.17 -28.94 -23.82
CA ASP A 468 9.96 -28.72 -24.57
C ASP A 468 9.31 -27.37 -24.27
N LEU A 469 9.67 -26.73 -23.15
CA LEU A 469 9.02 -25.50 -22.74
C LEU A 469 9.81 -24.77 -21.65
N PHE A 470 9.98 -23.46 -21.82
CA PHE A 470 10.47 -22.58 -20.77
C PHE A 470 9.27 -21.93 -20.07
N ILE A 471 9.32 -21.86 -18.74
CA ILE A 471 8.34 -21.13 -17.96
C ILE A 471 9.07 -20.19 -17.02
N TYR A 472 8.66 -18.92 -17.02
CA TYR A 472 9.28 -17.89 -16.19
C TYR A 472 8.35 -17.54 -15.03
N TYR A 473 8.89 -17.57 -13.81
CA TYR A 473 8.21 -17.15 -12.60
C TYR A 473 8.82 -15.82 -12.18
N ALA A 474 8.08 -14.72 -12.39
CA ALA A 474 8.58 -13.38 -12.17
C ALA A 474 7.91 -12.77 -10.94
N ASN A 475 8.72 -12.34 -9.98
CA ASN A 475 8.22 -11.71 -8.76
C ASN A 475 9.12 -10.53 -8.41
N PHE A 476 8.83 -9.38 -8.98
CA PHE A 476 9.55 -8.14 -8.68
C PHE A 476 8.60 -7.26 -7.87
N LYS A 477 8.80 -7.28 -6.55
CA LYS A 477 7.84 -6.69 -5.62
C LYS A 477 8.19 -5.24 -5.32
N VAL A 478 7.19 -4.51 -4.83
CA VAL A 478 7.36 -3.13 -4.43
C VAL A 478 7.97 -3.08 -3.03
N SER A 479 9.01 -2.28 -2.86
CA SER A 479 9.62 -2.05 -1.56
C SER A 479 10.19 -0.64 -1.52
N SER A 480 10.29 -0.11 -0.30
CA SER A 480 10.78 1.25 -0.12
C SER A 480 12.23 1.37 -0.58
N ASN A 481 12.53 2.49 -1.24
CA ASN A 481 13.89 2.90 -1.62
C ASN A 481 14.42 2.16 -2.84
N GLN A 482 13.58 1.43 -3.56
CA GLN A 482 13.98 0.84 -4.84
C GLN A 482 13.70 1.83 -5.95
N THR A 483 14.68 2.08 -6.80
CA THR A 483 14.50 3.01 -7.91
C THR A 483 13.93 2.35 -9.14
N THR A 484 13.91 1.02 -9.18
CA THR A 484 13.26 0.29 -10.27
C THR A 484 12.79 -1.06 -9.77
N ILE A 485 11.64 -1.49 -10.25
CA ILE A 485 11.20 -2.87 -10.12
C ILE A 485 11.18 -3.55 -11.49
N ARG A 486 11.94 -3.00 -12.44
CA ARG A 486 12.06 -3.59 -13.76
C ARG A 486 12.69 -4.98 -13.66
N LEU A 487 12.42 -5.80 -14.68
CA LEU A 487 12.99 -7.13 -14.73
C LEU A 487 14.50 -7.05 -14.86
N VAL A 488 15.20 -7.58 -13.87
CA VAL A 488 16.65 -7.68 -13.88
C VAL A 488 17.03 -9.15 -13.96
N TRP A 489 18.12 -9.44 -14.66
CA TRP A 489 18.61 -10.80 -14.80
C TRP A 489 19.87 -11.00 -13.95
N SER A 490 19.79 -11.91 -12.99
C LEU A 493 23.82 -12.03 -19.36
N GLY A 494 22.91 -12.16 -18.39
CA GLY A 494 21.49 -12.20 -18.71
C GLY A 494 21.10 -13.34 -19.63
N ASP A 495 21.81 -14.47 -19.54
CA ASP A 495 21.50 -15.61 -20.40
C ASP A 495 20.22 -16.33 -20.00
N SER A 496 19.59 -15.96 -18.89
CA SER A 496 18.35 -16.58 -18.46
C SER A 496 17.12 -15.92 -19.08
N SER A 497 17.30 -14.91 -19.92
CA SER A 497 16.16 -14.21 -20.50
C SER A 497 15.55 -15.03 -21.64
N PRO A 498 14.31 -14.70 -22.05
CA PRO A 498 13.66 -15.47 -23.11
C PRO A 498 14.30 -15.23 -24.48
N LYS A 499 15.54 -15.68 -24.63
CA LYS A 499 16.30 -15.39 -25.84
C LYS A 499 16.12 -16.43 -26.94
N PHE A 500 15.28 -17.45 -26.72
CA PHE A 500 15.10 -18.53 -27.68
C PHE A 500 13.63 -18.79 -27.97
N VAL A 501 12.80 -17.76 -27.87
CA VAL A 501 11.35 -17.94 -28.00
C VAL A 501 10.96 -18.53 -29.34
N CYS A 502 11.79 -18.37 -30.37
CA CYS A 502 11.50 -18.94 -31.68
C CYS A 502 12.09 -20.34 -31.85
N ASP A 503 12.88 -20.80 -30.89
CA ASP A 503 13.44 -22.15 -30.91
C ASP A 503 12.78 -23.08 -29.92
N VAL A 504 12.45 -22.61 -28.72
CA VAL A 504 11.74 -23.41 -27.72
C VAL A 504 10.54 -22.61 -27.25
N PRO A 505 9.33 -23.19 -27.21
CA PRO A 505 8.17 -22.45 -26.70
C PRO A 505 8.46 -21.89 -25.31
N THR A 506 7.97 -20.69 -25.05
CA THR A 506 8.30 -19.97 -23.82
C THR A 506 7.05 -19.30 -23.26
N LEU A 507 6.82 -19.50 -21.96
CA LEU A 507 5.68 -18.93 -21.25
C LEU A 507 6.20 -18.06 -20.10
N PHE A 508 5.64 -16.86 -19.96
CA PHE A 508 6.07 -15.92 -18.94
C PHE A 508 4.92 -15.62 -18.00
N LEU A 509 5.17 -15.79 -16.70
CA LEU A 509 4.15 -15.59 -15.66
C LEU A 509 4.65 -14.53 -14.69
N SER A 510 3.90 -13.44 -14.57
CA SER A 510 4.21 -12.38 -13.63
C SER A 510 3.30 -12.50 -12.42
N PHE A 511 3.88 -12.69 -11.24
CA PHE A 511 3.14 -12.74 -9.99
C PHE A 511 3.25 -11.46 -9.19
N SER A 512 3.61 -10.35 -9.85
CA SER A 512 3.58 -9.05 -9.20
C SER A 512 3.50 -7.93 -10.25
N ASN A 513 4.64 -7.37 -10.64
CA ASN A 513 4.67 -6.25 -11.58
C ASN A 513 3.94 -6.63 -12.87
N PRO A 514 2.95 -5.85 -13.31
CA PRO A 514 2.20 -6.21 -14.52
C PRO A 514 2.78 -5.69 -15.83
N TYR A 515 3.90 -4.96 -15.80
CA TYR A 515 4.46 -4.34 -17.00
C TYR A 515 5.73 -5.05 -17.46
N HIS A 516 5.87 -6.35 -17.17
CA HIS A 516 7.10 -7.05 -17.50
C HIS A 516 7.27 -7.26 -19.00
N LEU A 517 6.20 -7.13 -19.80
CA LEU A 517 6.36 -7.16 -21.24
C LEU A 517 7.28 -6.05 -21.74
N VAL A 518 7.49 -5.01 -20.93
CA VAL A 518 8.50 -3.99 -21.26
C VAL A 518 9.85 -4.64 -21.51
N ASP A 519 10.18 -5.66 -20.71
CA ASP A 519 11.50 -6.27 -20.73
C ASP A 519 11.52 -7.65 -21.37
N VAL A 520 10.37 -8.28 -21.58
CA VAL A 520 10.29 -9.53 -22.32
C VAL A 520 9.28 -9.38 -23.45
N PRO A 521 9.38 -8.34 -24.28
CA PRO A 521 8.38 -8.14 -25.33
C PRO A 521 8.33 -9.27 -26.35
N MET A 522 9.40 -10.06 -26.49
CA MET A 522 9.42 -11.13 -27.48
C MET A 522 8.52 -12.30 -27.08
N VAL A 523 8.09 -12.38 -25.82
CA VAL A 523 7.31 -13.51 -25.36
C VAL A 523 5.94 -13.51 -26.03
N LYS A 524 5.48 -14.68 -26.44
CA LYS A 524 4.22 -14.82 -27.15
C LYS A 524 3.06 -15.15 -26.22
N THR A 525 3.33 -15.77 -25.08
CA THR A 525 2.29 -16.05 -24.08
C THR A 525 2.70 -15.40 -22.76
N TYR A 526 1.85 -14.50 -22.26
CA TYR A 526 2.15 -13.72 -21.08
C TYR A 526 0.90 -13.63 -20.22
N ILE A 527 1.06 -13.87 -18.91
CA ILE A 527 -0.04 -13.89 -17.97
C ILE A 527 0.36 -13.06 -16.74
N ASN A 528 -0.54 -12.18 -16.32
CA ASN A 528 -0.37 -11.41 -15.09
C ASN A 528 -1.22 -12.01 -13.98
N ALA A 529 -0.62 -12.20 -12.80
CA ALA A 529 -1.31 -12.68 -11.63
C ALA A 529 -1.30 -11.72 -10.46
N TYR A 530 -0.44 -10.69 -10.48
CA TYR A 530 -0.51 -9.57 -9.55
C TYR A 530 -0.07 -9.92 -8.13
N THR A 531 -0.12 -11.20 -7.76
CA THR A 531 0.17 -11.60 -6.39
C THR A 531 0.94 -12.92 -6.39
N SER A 532 1.94 -13.00 -5.52
CA SER A 532 2.76 -14.20 -5.37
C SER A 532 2.47 -14.80 -4.00
N ASN A 533 1.40 -15.59 -3.93
CA ASN A 533 1.07 -16.33 -2.73
C ASN A 533 0.54 -17.71 -3.12
N GLU A 534 0.36 -18.57 -2.11
CA GLU A 534 -0.04 -19.94 -2.38
C GLU A 534 -1.35 -20.00 -3.15
N ALA A 535 -2.33 -19.18 -2.76
CA ALA A 535 -3.63 -19.21 -3.42
C ALA A 535 -3.48 -18.90 -4.92
N THR A 536 -2.69 -17.88 -5.25
CA THR A 536 -2.54 -17.50 -6.66
C THR A 536 -1.77 -18.58 -7.43
N VAL A 537 -0.75 -19.16 -6.81
CA VAL A 537 -0.01 -20.24 -7.47
C VAL A 537 -0.94 -21.40 -7.79
N ARG A 538 -1.79 -21.79 -6.84
CA ARG A 538 -2.65 -22.94 -7.05
C ARG A 538 -3.65 -22.69 -8.17
N MET A 539 -4.24 -21.48 -8.22
CA MET A 539 -5.16 -21.16 -9.29
C MET A 539 -4.43 -21.06 -10.64
N MET A 540 -3.19 -20.59 -10.64
CA MET A 540 -2.42 -20.56 -11.88
C MET A 540 -2.29 -21.96 -12.47
N ILE A 541 -1.96 -22.95 -11.63
CA ILE A 541 -1.88 -24.32 -12.09
C ILE A 541 -3.20 -24.77 -12.69
N GLU A 542 -4.30 -24.52 -11.99
CA GLU A 542 -5.61 -24.91 -12.49
C GLU A 542 -5.90 -24.28 -13.84
N LYS A 543 -5.43 -23.04 -14.05
CA LYS A 543 -5.76 -22.33 -15.28
C LYS A 543 -4.82 -22.73 -16.41
N LEU A 544 -3.55 -22.98 -16.10
CA LEU A 544 -2.63 -23.44 -17.14
C LEU A 544 -3.00 -24.83 -17.65
N MET A 545 -3.56 -25.67 -16.79
CA MET A 545 -3.95 -27.02 -17.17
C MET A 545 -5.31 -27.07 -17.85
N GLY A 546 -6.01 -25.94 -17.98
CA GLY A 546 -7.29 -25.91 -18.64
C GLY A 546 -8.48 -26.27 -17.78
N ARG A 547 -8.27 -26.49 -16.48
CA ARG A 547 -9.38 -26.82 -15.59
C ARG A 547 -10.10 -25.58 -15.06
N SER A 548 -9.52 -24.39 -15.24
CA SER A 548 -10.15 -23.15 -14.79
C SER A 548 -9.97 -22.09 -15.88
N SER A 549 -11.04 -21.37 -16.18
CA SER A 549 -11.00 -20.36 -17.22
C SER A 549 -10.26 -19.11 -16.73
N PHE A 550 -9.68 -18.38 -17.67
CA PHE A 550 -9.05 -17.10 -17.38
C PHE A 550 -10.11 -16.03 -17.31
N LYS A 551 -10.30 -15.45 -16.11
CA LYS A 551 -11.36 -14.50 -15.87
C LYS A 551 -10.86 -13.08 -15.62
N GLY A 552 -9.58 -12.89 -15.35
CA GLY A 552 -9.08 -11.59 -14.99
C GLY A 552 -9.13 -10.60 -16.14
N LYS A 553 -9.28 -9.32 -15.78
CA LYS A 553 -9.29 -8.22 -16.75
C LYS A 553 -8.22 -7.22 -16.31
N SER A 554 -7.30 -6.90 -17.22
CA SER A 554 -6.25 -5.95 -16.94
C SER A 554 -6.84 -4.63 -16.44
N PRO A 555 -6.51 -4.19 -15.21
CA PRO A 555 -6.99 -2.88 -14.76
C PRO A 555 -6.02 -1.78 -15.15
N VAL A 556 -5.27 -2.04 -16.22
CA VAL A 556 -4.13 -1.22 -16.58
C VAL A 556 -3.72 -1.59 -18.00
N ASP A 557 -2.83 -0.81 -18.61
CA ASP A 557 -2.28 -1.19 -19.90
C ASP A 557 -0.99 -1.96 -19.67
N PRO A 558 -1.00 -3.29 -19.75
CA PRO A 558 0.22 -4.06 -19.48
C PRO A 558 1.27 -3.92 -20.58
N PHE A 559 0.91 -3.44 -21.76
CA PHE A 559 1.89 -3.26 -22.82
C PHE A 559 2.67 -1.96 -22.69
N ALA A 560 2.22 -1.05 -21.83
CA ALA A 560 2.94 0.21 -21.57
C ALA A 560 3.11 1.02 -22.85
N GLY A 561 2.11 0.96 -23.72
CA GLY A 561 2.14 1.73 -24.96
C GLY A 561 3.25 1.32 -25.91
N LEU A 562 3.79 0.12 -25.76
CA LEU A 562 4.91 -0.33 -26.58
C LEU A 562 4.38 -1.14 -27.77
N TRP A 563 4.74 -0.70 -28.97
CA TRP A 563 4.31 -1.39 -30.19
C TRP A 563 4.85 -2.80 -30.27
N ASP A 564 6.05 -3.04 -29.70
CA ASP A 564 6.70 -4.33 -29.86
C ASP A 564 6.21 -5.37 -28.85
N ALA A 565 5.59 -4.93 -27.74
CA ALA A 565 5.09 -5.88 -26.76
C ALA A 565 3.95 -6.72 -27.31
N ARG A 566 3.23 -6.23 -28.32
CA ARG A 566 2.19 -7.01 -28.96
C ARG A 566 2.77 -7.91 -30.05
C1 GOL B . 3.69 4.11 6.41
O1 GOL B . 4.40 5.33 6.32
C2 GOL B . 3.01 3.81 5.09
O2 GOL B . 2.27 2.61 5.17
C3 GOL B . 2.07 4.95 4.72
O3 GOL B . 1.94 5.02 3.32
H11 GOL B . 4.37 3.30 6.67
H12 GOL B . 2.94 4.19 7.20
HO1 GOL B . 4.78 5.55 7.19
H2 GOL B . 3.78 3.71 4.31
HO2 GOL B . 1.58 2.70 5.86
H31 GOL B . 1.09 4.77 5.16
H32 GOL B . 2.46 5.88 5.11
HO3 GOL B . 2.61 5.65 2.96
C1 GOL C . -15.80 -11.70 -11.73
O1 GOL C . -15.57 -11.68 -10.34
C2 GOL C . -14.56 -11.14 -12.42
O2 GOL C . -13.80 -12.16 -13.03
C3 GOL C . -14.99 -10.08 -13.46
O3 GOL C . -15.94 -9.20 -12.92
H11 GOL C . -15.98 -12.72 -12.07
H12 GOL C . -16.67 -11.09 -11.97
HO1 GOL C . -16.38 -11.97 -9.87
H2 GOL C . -13.95 -10.64 -11.67
HO2 GOL C . -14.32 -12.59 -13.73
H31 GOL C . -14.11 -9.52 -13.79
H32 GOL C . -15.40 -10.59 -14.34
HO3 GOL C . -15.50 -8.55 -12.35
#